data_7MMI
#
_entry.id   7MMI
#
_cell.length_a   54.166
_cell.length_b   58.582
_cell.length_c   59.599
_cell.angle_alpha   90.000
_cell.angle_beta   90.000
_cell.angle_gamma   90.000
#
_symmetry.space_group_name_H-M   'P 21 21 21'
#
loop_
_entity.id
_entity.type
_entity.pdbx_description
1 polymer 'NS3/4A protease'
2 non-polymer '(2S)-1,1,1-trifluoropropan-2-yl {(2R,4S,6S,12Z,13aS,14aR,16aS)-2-[(7-methoxy-3-methylquinoxalin-2-yl)oxy]-14a-[(1-methylcyclopropane-1-sulfonyl)carbamoyl]-5,16-dioxo-1,2,3,5,6,7,8,9,10,11,13a,14,14a,15,16,16a-hexadecahydrocyclopropa[e]pyrrolo[1,2-a][1,4]diazacyclopentadecin-6-yl}carbamate'
3 non-polymer 'ZINC ION'
4 water water
#
_entity_poly.entity_id   1
_entity_poly.type   'polypeptide(L)'
_entity_poly.pdbx_seq_one_letter_code
;HMASMKKKGSVVIVGRINLSGDTAYAQQTRGEEGCQETSQTGRDKNQVEGEVQIVSTATQTFLATSINGVLWTVYHGAGT
RTIASPKGPVTQMYTNVDKDLVGWQAPQGSRSLTPCTCGSSDLYLVTRHADVIPVRRRGDSRGSLLSPRPISYLKGSSGG
PLLCPAGHAVGIFRAAVSTRGVAKAVAFIPVESLETTMRS
;
_entity_poly.pdbx_strand_id   A
#
loop_
_chem_comp.id
_chem_comp.type
_chem_comp.name
_chem_comp.formula
ZJV non-polymer '(2S)-1,1,1-trifluoropropan-2-yl {(2R,4S,6S,12Z,13aS,14aR,16aS)-2-[(7-methoxy-3-methylquinoxalin-2-yl)oxy]-14a-[(1-methylcyclopropane-1-sulfonyl)carbamoyl]-5,16-dioxo-1,2,3,5,6,7,8,9,10,11,13a,14,14a,15,16,16a-hexadecahydrocyclopropa[e]pyrrolo[1,2-a][1,4]diazacyclopentadecin-6-yl}carbamate' 'C36 H45 F3 N6 O9 S'
ZN non-polymer 'ZINC ION' 'Zn 2'
#
# COMPACT_ATOMS: atom_id res chain seq x y z
N HIS A 1 33.38 2.96 7.10
CA HIS A 1 34.31 2.45 6.09
C HIS A 1 33.59 1.53 5.11
N MET A 2 34.19 1.33 3.93
CA MET A 2 33.55 0.54 2.89
C MET A 2 33.32 -0.91 3.34
N ALA A 3 34.29 -1.48 4.05
CA ALA A 3 34.17 -2.87 4.45
C ALA A 3 32.94 -3.10 5.33
N SER A 4 32.62 -2.15 6.20
CA SER A 4 31.51 -2.32 7.13
C SER A 4 30.22 -1.66 6.66
N MET A 5 30.20 -1.09 5.46
CA MET A 5 28.97 -0.47 4.96
C MET A 5 27.83 -1.47 4.96
N LYS A 6 26.70 -1.08 5.53
CA LYS A 6 25.53 -1.93 5.62
C LYS A 6 24.64 -1.76 4.38
N LYS A 7 23.78 -2.76 4.16
CA LYS A 7 22.78 -2.73 3.10
C LYS A 7 21.40 -2.77 3.74
N LYS A 8 20.50 -1.93 3.23
CA LYS A 8 19.14 -1.92 3.74
C LYS A 8 18.41 -3.18 3.29
N GLY A 9 17.53 -3.67 4.15
CA GLY A 9 16.79 -4.87 3.85
C GLY A 9 15.65 -4.59 2.88
N SER A 10 15.00 -5.68 2.48
CA SER A 10 13.87 -5.60 1.57
C SER A 10 12.58 -5.31 2.33
N VAL A 11 11.63 -4.70 1.62
CA VAL A 11 10.25 -4.69 2.07
C VAL A 11 9.75 -6.13 2.08
N VAL A 12 8.98 -6.49 3.11
CA VAL A 12 8.46 -7.84 3.28
C VAL A 12 6.95 -7.80 3.44
N ILE A 13 6.25 -8.67 2.71
CA ILE A 13 4.82 -8.88 2.93
C ILE A 13 4.64 -9.65 4.24
N VAL A 14 3.87 -9.06 5.16
CA VAL A 14 3.60 -9.68 6.45
C VAL A 14 2.13 -10.00 6.65
N GLY A 15 1.29 -9.70 5.68
CA GLY A 15 -0.12 -10.01 5.81
C GLY A 15 -0.89 -9.43 4.66
N ARG A 16 -2.21 -9.45 4.79
CA ARG A 16 -3.07 -8.92 3.74
C ARG A 16 -4.39 -8.45 4.33
N ILE A 17 -5.11 -7.66 3.54
CA ILE A 17 -6.48 -7.31 3.87
C ILE A 17 -7.39 -8.18 3.01
N ASN A 18 -8.18 -9.01 3.66
CA ASN A 18 -9.05 -9.95 2.95
C ASN A 18 -10.34 -9.22 2.60
N LEU A 19 -10.57 -9.05 1.30
CA LEU A 19 -11.79 -8.44 0.79
C LEU A 19 -12.60 -9.45 -0.02
N SER A 20 -12.35 -10.74 0.21
CA SER A 20 -12.94 -11.81 -0.59
C SER A 20 -14.42 -11.99 -0.31
N GLY A 21 -14.82 -11.94 0.95
CA GLY A 21 -16.16 -12.29 1.37
C GLY A 21 -17.05 -11.10 1.58
N ASP A 22 -17.99 -11.22 2.52
CA ASP A 22 -18.86 -10.14 2.91
C ASP A 22 -18.28 -9.31 4.07
N THR A 23 -17.20 -9.79 4.69
CA THR A 23 -16.58 -9.13 5.83
C THR A 23 -15.11 -8.91 5.52
N ALA A 24 -14.64 -7.68 5.71
CA ALA A 24 -13.23 -7.36 5.50
C ALA A 24 -12.46 -7.57 6.80
N TYR A 25 -11.31 -8.22 6.70
CA TYR A 25 -10.52 -8.44 7.91
C TYR A 25 -9.05 -8.60 7.54
N ALA A 26 -8.19 -8.12 8.42
CA ALA A 26 -6.76 -8.25 8.23
C ALA A 26 -6.31 -9.64 8.63
N GLN A 27 -5.37 -10.20 7.86
CA GLN A 27 -4.72 -11.45 8.19
C GLN A 27 -3.22 -11.22 8.27
N GLN A 28 -2.57 -11.76 9.30
CA GLN A 28 -1.12 -11.77 9.36
C GLN A 28 -0.62 -13.09 8.80
N THR A 29 0.43 -13.01 7.97
CA THR A 29 1.02 -14.21 7.37
C THR A 29 2.44 -14.45 7.82
N ARG A 30 3.07 -13.49 8.50
CA ARG A 30 4.43 -13.65 8.98
C ARG A 30 4.63 -12.76 10.21
N GLY A 31 5.24 -13.33 11.25
CA GLY A 31 5.53 -12.60 12.46
C GLY A 31 6.82 -11.81 12.35
N GLU A 32 7.10 -11.05 13.42
CA GLU A 32 8.20 -10.09 13.38
C GLU A 32 9.55 -10.78 13.18
N GLU A 33 9.78 -11.92 13.84
CA GLU A 33 11.07 -12.58 13.68
C GLU A 33 11.30 -13.01 12.24
N GLY A 34 10.33 -13.71 11.66
CA GLY A 34 10.46 -14.12 10.28
C GLY A 34 10.52 -12.93 9.35
N CYS A 35 9.85 -11.84 9.71
CA CYS A 35 9.93 -10.63 8.89
C CYS A 35 11.34 -10.09 8.87
N GLN A 36 12.00 -10.02 10.04
CA GLN A 36 13.36 -9.50 10.09
C GLN A 36 14.30 -10.36 9.26
N GLU A 37 14.18 -11.69 9.37
CA GLU A 37 15.07 -12.57 8.61
C GLU A 37 14.80 -12.44 7.11
N THR A 38 13.53 -12.38 6.72
CA THR A 38 13.18 -12.27 5.32
C THR A 38 13.62 -10.95 4.73
N SER A 39 13.63 -9.89 5.54
CA SER A 39 14.10 -8.60 5.06
C SER A 39 15.59 -8.64 4.76
N GLN A 40 16.37 -9.35 5.58
CA GLN A 40 17.80 -9.45 5.36
C GLN A 40 18.13 -10.30 4.14
N THR A 41 17.44 -11.43 3.97
CA THR A 41 17.77 -12.31 2.85
C THR A 41 17.05 -11.91 1.57
N GLY A 42 15.92 -11.22 1.68
CA GLY A 42 15.10 -10.96 0.52
C GLY A 42 14.41 -12.16 -0.07
N ARG A 43 14.50 -13.32 0.57
CA ARG A 43 13.88 -14.55 0.09
C ARG A 43 12.60 -14.82 0.88
N ASP A 44 11.45 -14.66 0.24
CA ASP A 44 10.15 -14.89 0.85
C ASP A 44 9.43 -16.01 0.09
N LYS A 45 9.30 -17.17 0.72
CA LYS A 45 8.64 -18.32 0.12
C LYS A 45 7.15 -18.40 0.46
N ASN A 46 6.61 -17.48 1.24
CA ASN A 46 5.21 -17.54 1.60
C ASN A 46 4.34 -17.29 0.39
N GLN A 47 3.24 -18.04 0.30
CA GLN A 47 2.24 -17.80 -0.72
C GLN A 47 1.59 -16.44 -0.52
N VAL A 48 1.43 -15.72 -1.62
CA VAL A 48 0.78 -14.41 -1.62
C VAL A 48 -0.63 -14.59 -2.16
N GLU A 49 -1.58 -13.87 -1.58
CA GLU A 49 -2.95 -13.83 -2.09
C GLU A 49 -3.50 -12.43 -1.93
N GLY A 50 -4.50 -12.10 -2.75
CA GLY A 50 -5.27 -10.89 -2.54
C GLY A 50 -4.67 -9.66 -3.18
N GLU A 51 -5.39 -8.55 -3.01
CA GLU A 51 -5.10 -7.28 -3.65
C GLU A 51 -4.30 -6.31 -2.77
N VAL A 52 -4.63 -6.23 -1.49
CA VAL A 52 -3.99 -5.31 -0.55
C VAL A 52 -3.10 -6.12 0.39
N GLN A 53 -1.80 -5.85 0.33
CA GLN A 53 -0.85 -6.49 1.21
C GLN A 53 -0.49 -5.56 2.35
N ILE A 54 -0.23 -6.16 3.50
CA ILE A 54 0.45 -5.47 4.59
C ILE A 54 1.94 -5.73 4.46
N VAL A 55 2.73 -4.67 4.47
CA VAL A 55 4.17 -4.81 4.25
C VAL A 55 4.93 -4.14 5.38
N SER A 56 6.16 -4.58 5.57
CA SER A 56 6.98 -4.04 6.65
C SER A 56 8.43 -3.96 6.21
N THR A 57 9.13 -2.98 6.76
CA THR A 57 10.58 -2.96 6.78
C THR A 57 11.03 -3.28 8.21
N ALA A 58 12.31 -3.04 8.49
CA ALA A 58 12.78 -3.20 9.87
C ALA A 58 12.16 -2.16 10.79
N THR A 59 11.79 -0.98 10.27
CA THR A 59 11.37 0.15 11.09
C THR A 59 9.98 0.67 10.82
N GLN A 60 9.33 0.26 9.73
CA GLN A 60 8.04 0.82 9.38
C GLN A 60 7.12 -0.28 8.89
N THR A 61 5.83 -0.02 9.01
CA THR A 61 4.84 -0.92 8.44
C THR A 61 3.75 -0.07 7.78
N PHE A 62 3.22 -0.58 6.67
CA PHE A 62 2.29 0.18 5.83
C PHE A 62 1.64 -0.82 4.88
N LEU A 63 0.99 -0.34 3.82
CA LEU A 63 0.27 -1.21 2.91
C LEU A 63 0.84 -1.11 1.51
N ALA A 64 0.48 -2.08 0.67
CA ALA A 64 0.85 -2.07 -0.74
C ALA A 64 -0.30 -2.71 -1.51
N THR A 65 -0.63 -2.16 -2.67
CA THR A 65 -1.84 -2.54 -3.40
C THR A 65 -1.53 -2.88 -4.85
N SER A 66 -2.04 -4.03 -5.30
CA SER A 66 -1.83 -4.47 -6.67
C SER A 66 -2.90 -3.87 -7.58
N ILE A 67 -2.46 -3.13 -8.58
CA ILE A 67 -3.33 -2.58 -9.63
C ILE A 67 -2.66 -2.85 -10.97
N ASN A 68 -3.39 -3.52 -11.87
CA ASN A 68 -2.90 -3.76 -13.23
C ASN A 68 -1.52 -4.42 -13.22
N GLY A 69 -1.31 -5.37 -12.32
CA GLY A 69 -0.09 -6.15 -12.36
C GLY A 69 1.11 -5.50 -11.73
N VAL A 70 0.92 -4.39 -11.02
CA VAL A 70 1.99 -3.72 -10.28
C VAL A 70 1.57 -3.61 -8.83
N LEU A 71 2.49 -3.97 -7.91
CA LEU A 71 2.27 -3.75 -6.48
C LEU A 71 2.78 -2.36 -6.12
N TRP A 72 1.84 -1.47 -5.78
CA TRP A 72 2.13 -0.05 -5.56
C TRP A 72 2.20 0.26 -4.08
N THR A 73 3.10 1.16 -3.69
CA THR A 73 3.09 1.68 -2.32
C THR A 73 3.70 3.09 -2.32
N VAL A 74 3.97 3.61 -1.13
CA VAL A 74 4.47 4.97 -0.96
C VAL A 74 6.00 4.96 -0.82
N TYR A 75 6.63 5.95 -1.43
CA TYR A 75 8.07 6.15 -1.30
C TYR A 75 8.47 6.46 0.14
N HIS A 76 7.63 7.16 0.90
CA HIS A 76 8.00 7.50 2.28
C HIS A 76 7.99 6.28 3.18
N GLY A 77 7.42 5.17 2.74
CA GLY A 77 7.53 3.91 3.44
C GLY A 77 8.62 3.01 2.89
N ALA A 78 8.65 2.83 1.57
CA ALA A 78 9.53 1.84 0.96
C ALA A 78 10.89 2.41 0.57
N GLY A 79 11.00 3.72 0.42
CA GLY A 79 12.17 4.30 -0.21
C GLY A 79 12.45 3.61 -1.53
N THR A 80 13.74 3.35 -1.79
CA THR A 80 14.17 2.67 -3.00
C THR A 80 14.37 1.17 -2.79
N ARG A 81 13.79 0.61 -1.72
CA ARG A 81 14.08 -0.75 -1.31
CA ARG A 81 14.08 -0.75 -1.31
C ARG A 81 13.54 -1.77 -2.31
N THR A 82 14.23 -2.90 -2.39
CA THR A 82 13.71 -4.09 -3.02
C THR A 82 12.58 -4.68 -2.15
N ILE A 83 11.82 -5.58 -2.75
CA ILE A 83 10.82 -6.36 -2.04
C ILE A 83 11.25 -7.82 -2.08
N ALA A 84 11.01 -8.53 -0.99
CA ALA A 84 11.39 -9.94 -0.92
C ALA A 84 10.47 -10.79 -1.80
N SER A 85 11.03 -11.85 -2.38
CA SER A 85 10.27 -12.74 -3.25
C SER A 85 10.84 -14.15 -3.15
N PRO A 86 10.13 -15.14 -3.70
CA PRO A 86 10.65 -16.53 -3.59
C PRO A 86 12.04 -16.71 -4.17
N LYS A 87 12.43 -15.90 -5.15
CA LYS A 87 13.72 -16.02 -5.80
C LYS A 87 14.70 -14.95 -5.36
N GLY A 88 14.36 -14.17 -4.34
CA GLY A 88 15.24 -13.15 -3.83
C GLY A 88 14.70 -11.75 -4.04
N PRO A 89 15.52 -10.75 -3.70
CA PRO A 89 15.06 -9.35 -3.78
C PRO A 89 14.69 -8.96 -5.19
N VAL A 90 13.60 -8.20 -5.30
CA VAL A 90 13.10 -7.69 -6.57
C VAL A 90 13.21 -6.17 -6.55
N THR A 91 13.89 -5.62 -7.56
CA THR A 91 14.10 -4.19 -7.70
C THR A 91 12.81 -3.50 -8.17
N GLN A 92 12.57 -2.31 -7.63
CA GLN A 92 11.42 -1.52 -8.04
C GLN A 92 11.39 -1.33 -9.55
N MET A 93 10.19 -1.38 -10.15
CA MET A 93 10.09 -1.03 -11.56
C MET A 93 9.55 0.39 -11.74
N TYR A 94 9.01 1.00 -10.70
CA TYR A 94 8.59 2.39 -10.72
C TYR A 94 9.09 3.06 -9.45
N THR A 95 9.64 4.27 -9.59
CA THR A 95 10.01 5.09 -8.43
C THR A 95 9.74 6.54 -8.79
N ASN A 96 8.90 7.23 -8.01
CA ASN A 96 8.66 8.65 -8.26
C ASN A 96 8.48 9.39 -6.94
N VAL A 97 9.58 9.97 -6.45
CA VAL A 97 9.55 10.67 -5.18
C VAL A 97 8.63 11.87 -5.24
N ASP A 98 8.43 12.46 -6.44
CA ASP A 98 7.59 13.64 -6.57
C ASP A 98 6.11 13.32 -6.35
N LYS A 99 5.71 12.07 -6.58
CA LYS A 99 4.35 11.63 -6.28
C LYS A 99 4.26 10.80 -5.00
N ASP A 100 5.38 10.57 -4.30
CA ASP A 100 5.45 9.69 -3.13
C ASP A 100 5.06 8.26 -3.48
N LEU A 101 5.55 7.78 -4.64
CA LEU A 101 5.08 6.54 -5.24
C LEU A 101 6.22 5.61 -5.60
N VAL A 102 6.04 4.32 -5.32
CA VAL A 102 6.92 3.28 -5.85
C VAL A 102 6.07 2.09 -6.28
N GLY A 103 6.66 1.24 -7.11
CA GLY A 103 5.98 0.03 -7.53
C GLY A 103 6.96 -1.07 -7.87
N TRP A 104 6.54 -2.31 -7.60
CA TRP A 104 7.22 -3.53 -8.02
C TRP A 104 6.26 -4.34 -8.86
N GLN A 105 6.79 -5.26 -9.66
CA GLN A 105 5.95 -6.25 -10.33
C GLN A 105 5.09 -6.96 -9.30
N ALA A 106 3.82 -7.19 -9.64
CA ALA A 106 2.90 -7.80 -8.68
C ALA A 106 3.38 -9.22 -8.37
N PRO A 107 3.34 -9.64 -7.10
CA PRO A 107 3.84 -10.99 -6.78
C PRO A 107 2.94 -12.09 -7.32
N GLN A 108 3.58 -13.19 -7.69
CA GLN A 108 2.86 -14.37 -8.16
C GLN A 108 1.86 -14.78 -7.10
N GLY A 109 0.61 -14.96 -7.51
CA GLY A 109 -0.47 -15.34 -6.62
C GLY A 109 -1.35 -14.18 -6.17
N SER A 110 -0.88 -12.94 -6.32
CA SER A 110 -1.70 -11.79 -5.98
C SER A 110 -2.80 -11.62 -7.02
N ARG A 111 -3.85 -10.90 -6.63
CA ARG A 111 -4.90 -10.45 -7.53
C ARG A 111 -4.79 -8.94 -7.67
N SER A 112 -5.01 -8.44 -8.87
CA SER A 112 -4.86 -7.02 -9.16
C SER A 112 -6.23 -6.37 -9.22
N LEU A 113 -6.34 -5.19 -8.63
CA LEU A 113 -7.48 -4.33 -8.85
C LEU A 113 -7.44 -3.73 -10.26
N THR A 114 -8.62 -3.45 -10.79
CA THR A 114 -8.79 -2.84 -12.09
C THR A 114 -8.82 -1.32 -11.95
N PRO A 115 -8.10 -0.58 -12.77
CA PRO A 115 -8.16 0.89 -12.70
C PRO A 115 -9.57 1.39 -13.00
N CYS A 116 -10.04 2.31 -12.15
CA CYS A 116 -11.40 2.83 -12.27
C CYS A 116 -11.51 3.78 -13.46
N THR A 117 -12.57 3.59 -14.24
CA THR A 117 -12.95 4.59 -15.24
C THR A 117 -14.37 5.09 -15.03
N CYS A 118 -14.91 4.95 -13.81
CA CYS A 118 -16.30 5.29 -13.54
C CYS A 118 -16.50 6.81 -13.47
N GLY A 119 -15.45 7.55 -13.11
CA GLY A 119 -15.61 8.97 -12.85
C GLY A 119 -16.50 9.30 -11.66
N SER A 120 -16.60 8.38 -10.70
CA SER A 120 -17.41 8.60 -9.51
C SER A 120 -16.59 9.27 -8.41
N SER A 121 -17.26 10.04 -7.56
CA SER A 121 -16.62 10.69 -6.42
C SER A 121 -17.00 10.08 -5.07
N ASP A 122 -17.71 8.96 -5.06
CA ASP A 122 -18.08 8.26 -3.83
C ASP A 122 -17.11 7.11 -3.66
N LEU A 123 -16.07 7.33 -2.85
CA LEU A 123 -14.95 6.42 -2.69
C LEU A 123 -14.98 5.75 -1.32
N TYR A 124 -14.12 4.75 -1.18
CA TYR A 124 -13.98 3.95 0.02
C TYR A 124 -12.51 3.70 0.25
N LEU A 125 -12.00 4.13 1.40
CA LEU A 125 -10.61 3.88 1.79
C LEU A 125 -10.52 2.62 2.62
N VAL A 126 -9.60 1.72 2.26
CA VAL A 126 -9.35 0.48 2.98
C VAL A 126 -8.09 0.65 3.82
N THR A 127 -8.22 0.45 5.13
CA THR A 127 -7.09 0.62 6.04
C THR A 127 -6.46 -0.72 6.41
N ARG A 128 -5.33 -0.65 7.11
CA ARG A 128 -4.61 -1.84 7.53
C ARG A 128 -5.35 -2.63 8.59
N HIS A 129 -6.36 -2.03 9.21
CA HIS A 129 -7.23 -2.73 10.15
C HIS A 129 -8.50 -3.22 9.48
N ALA A 130 -8.52 -3.22 8.15
CA ALA A 130 -9.65 -3.67 7.35
C ALA A 130 -10.89 -2.81 7.60
N ASP A 131 -10.71 -1.57 8.06
CA ASP A 131 -11.79 -0.61 8.06
C ASP A 131 -12.05 -0.15 6.63
N VAL A 132 -13.32 0.01 6.27
CA VAL A 132 -13.71 0.48 4.96
C VAL A 132 -14.39 1.82 5.18
N ILE A 133 -13.67 2.90 4.89
CA ILE A 133 -14.02 4.25 5.30
C ILE A 133 -14.55 5.02 4.10
N PRO A 134 -15.81 5.45 4.11
CA PRO A 134 -16.31 6.30 3.03
C PRO A 134 -15.56 7.64 2.94
N VAL A 135 -15.20 7.98 1.71
CA VAL A 135 -14.47 9.21 1.39
C VAL A 135 -15.15 9.84 0.18
N ARG A 136 -15.46 11.14 0.27
CA ARG A 136 -15.97 11.88 -0.88
C ARG A 136 -14.79 12.49 -1.61
N ARG A 137 -14.64 12.16 -2.88
CA ARG A 137 -13.59 12.78 -3.68
C ARG A 137 -13.79 14.28 -3.76
N ARG A 138 -12.73 15.04 -3.49
CA ARG A 138 -12.78 16.50 -3.48
C ARG A 138 -11.84 17.14 -4.50
N GLY A 139 -11.03 16.35 -5.20
CA GLY A 139 -10.10 16.87 -6.17
C GLY A 139 -9.39 15.71 -6.82
N ASP A 140 -8.44 16.04 -7.70
CA ASP A 140 -7.71 14.98 -8.39
C ASP A 140 -7.02 14.05 -7.41
N SER A 141 -6.52 14.59 -6.30
CA SER A 141 -5.70 13.80 -5.39
C SER A 141 -6.15 13.92 -3.93
N ARG A 142 -7.40 14.30 -3.69
CA ARG A 142 -7.84 14.46 -2.31
C ARG A 142 -9.31 14.07 -2.15
N GLY A 143 -9.66 13.74 -0.91
CA GLY A 143 -11.02 13.38 -0.55
C GLY A 143 -11.24 13.62 0.92
N SER A 144 -12.50 13.87 1.27
CA SER A 144 -12.85 14.16 2.66
C SER A 144 -13.47 12.94 3.30
N LEU A 145 -13.12 12.68 4.56
CA LEU A 145 -13.75 11.61 5.30
C LEU A 145 -15.18 11.98 5.65
N LEU A 146 -16.11 11.05 5.44
CA LEU A 146 -17.49 11.34 5.78
C LEU A 146 -17.68 11.35 7.30
N SER A 147 -16.86 10.57 7.99
CA SER A 147 -16.84 10.51 9.45
C SER A 147 -15.39 10.71 9.87
N PRO A 148 -14.99 11.93 10.20
CA PRO A 148 -13.61 12.15 10.67
C PRO A 148 -13.27 11.29 11.88
N ARG A 149 -11.97 11.10 12.10
CA ARG A 149 -11.51 10.34 13.25
C ARG A 149 -10.03 10.64 13.46
N PRO A 150 -9.51 10.36 14.65
CA PRO A 150 -8.11 10.67 14.94
C PRO A 150 -7.18 10.08 13.89
N ILE A 151 -6.09 10.79 13.61
CA ILE A 151 -5.13 10.31 12.60
C ILE A 151 -4.56 8.96 13.00
N SER A 152 -4.54 8.65 14.30
CA SER A 152 -4.08 7.35 14.78
C SER A 152 -4.70 6.20 14.01
N TYR A 153 -5.97 6.34 13.60
CA TYR A 153 -6.66 5.24 12.94
C TYR A 153 -6.21 5.07 11.49
N LEU A 154 -5.59 6.08 10.90
CA LEU A 154 -5.09 6.02 9.53
C LEU A 154 -3.60 5.70 9.47
N LYS A 155 -2.85 5.92 10.55
CA LYS A 155 -1.43 5.65 10.55
C LYS A 155 -1.15 4.20 10.20
N GLY A 156 -0.20 4.00 9.29
CA GLY A 156 0.13 2.66 8.82
C GLY A 156 -0.67 2.17 7.64
N SER A 157 -1.55 3.02 7.09
CA SER A 157 -2.39 2.63 5.97
C SER A 157 -1.99 3.30 4.67
N SER A 158 -0.91 4.09 4.66
CA SER A 158 -0.39 4.58 3.39
C SER A 158 -0.08 3.39 2.49
N GLY A 159 -0.34 3.55 1.19
CA GLY A 159 -0.22 2.46 0.25
C GLY A 159 -1.50 1.69 0.05
N GLY A 160 -2.51 1.91 0.89
CA GLY A 160 -3.79 1.28 0.73
C GLY A 160 -4.59 1.93 -0.37
N PRO A 161 -5.65 1.26 -0.80
CA PRO A 161 -6.45 1.78 -1.92
C PRO A 161 -7.62 2.65 -1.49
N LEU A 162 -7.94 3.60 -2.37
CA LEU A 162 -9.27 4.18 -2.46
C LEU A 162 -9.98 3.51 -3.61
N LEU A 163 -11.20 3.04 -3.36
CA LEU A 163 -11.97 2.26 -4.31
C LEU A 163 -13.26 2.99 -4.67
N CYS A 164 -13.75 2.75 -5.89
CA CYS A 164 -15.05 3.26 -6.29
C CYS A 164 -16.14 2.31 -5.80
N PRO A 165 -17.41 2.68 -5.99
CA PRO A 165 -18.49 1.78 -5.55
C PRO A 165 -18.40 0.40 -6.19
N ALA A 166 -17.86 0.30 -7.40
CA ALA A 166 -17.74 -0.97 -8.10
C ALA A 166 -16.49 -1.76 -7.73
N GLY A 167 -15.69 -1.26 -6.79
CA GLY A 167 -14.52 -2.01 -6.37
C GLY A 167 -13.29 -1.81 -7.23
N HIS A 168 -13.30 -0.82 -8.11
CA HIS A 168 -12.12 -0.46 -8.90
C HIS A 168 -11.19 0.42 -8.08
N ALA A 169 -9.92 0.42 -8.48
CA ALA A 169 -8.95 1.27 -7.80
C ALA A 169 -9.03 2.69 -8.35
N VAL A 170 -9.20 3.66 -7.46
CA VAL A 170 -9.21 5.08 -7.79
C VAL A 170 -7.90 5.75 -7.40
N GLY A 171 -7.23 5.25 -6.37
CA GLY A 171 -5.94 5.83 -6.01
C GLY A 171 -5.26 5.08 -4.89
N ILE A 172 -4.07 5.58 -4.54
CA ILE A 172 -3.23 5.02 -3.48
C ILE A 172 -3.09 6.08 -2.39
N PHE A 173 -3.54 5.75 -1.18
CA PHE A 173 -3.46 6.63 -0.02
C PHE A 173 -2.03 7.03 0.32
N ARG A 174 -1.79 8.33 0.45
CA ARG A 174 -0.43 8.74 0.77
C ARG A 174 -0.34 9.66 1.98
N ALA A 175 -1.35 10.49 2.24
CA ALA A 175 -1.21 11.42 3.36
C ALA A 175 -2.57 11.78 3.93
N ALA A 176 -2.56 12.23 5.19
CA ALA A 176 -3.77 12.64 5.88
C ALA A 176 -3.68 14.09 6.32
N VAL A 177 -4.78 14.81 6.13
CA VAL A 177 -4.95 16.20 6.54
C VAL A 177 -5.73 16.22 7.84
N SER A 178 -5.19 16.87 8.86
CA SER A 178 -5.84 16.83 10.17
C SER A 178 -5.86 18.20 10.81
N THR A 179 -6.83 18.37 11.72
CA THR A 179 -6.96 19.55 12.56
C THR A 179 -7.08 19.06 13.98
N ARG A 180 -6.18 19.48 14.86
CA ARG A 180 -6.22 19.03 16.25
C ARG A 180 -6.19 17.51 16.33
N GLY A 181 -5.37 16.90 15.47
CA GLY A 181 -5.23 15.46 15.42
C GLY A 181 -6.37 14.71 14.78
N VAL A 182 -7.39 15.39 14.26
CA VAL A 182 -8.56 14.73 13.68
C VAL A 182 -8.39 14.74 12.16
N ALA A 183 -8.35 13.54 11.56
CA ALA A 183 -8.26 13.43 10.11
C ALA A 183 -9.60 13.84 9.51
N LYS A 184 -9.59 14.93 8.73
CA LYS A 184 -10.77 15.34 7.99
C LYS A 184 -10.68 15.05 6.51
N ALA A 185 -9.47 14.88 5.98
CA ALA A 185 -9.29 14.64 4.55
C ALA A 185 -8.05 13.79 4.33
N VAL A 186 -7.97 13.18 3.16
CA VAL A 186 -6.84 12.36 2.77
C VAL A 186 -6.37 12.82 1.39
N ALA A 187 -5.10 12.55 1.11
CA ALA A 187 -4.48 12.77 -0.18
C ALA A 187 -4.04 11.42 -0.74
N PHE A 188 -4.10 11.27 -2.05
CA PHE A 188 -3.80 9.99 -2.67
C PHE A 188 -3.23 10.22 -4.06
N ILE A 189 -2.50 9.21 -4.53
CA ILE A 189 -2.01 9.20 -5.91
C ILE A 189 -3.15 8.67 -6.77
N PRO A 190 -3.71 9.45 -7.69
CA PRO A 190 -4.80 8.93 -8.52
C PRO A 190 -4.32 7.86 -9.49
N VAL A 191 -5.22 6.93 -9.81
CA VAL A 191 -4.84 5.80 -10.65
C VAL A 191 -4.37 6.30 -12.03
N GLU A 192 -4.91 7.42 -12.49
CA GLU A 192 -4.45 7.97 -13.75
C GLU A 192 -2.98 8.37 -13.68
N SER A 193 -2.53 8.83 -12.52
CA SER A 193 -1.12 9.15 -12.36
C SER A 193 -0.27 7.89 -12.30
N LEU A 194 -0.83 6.79 -11.82
CA LEU A 194 -0.18 5.50 -11.97
C LEU A 194 -0.18 5.07 -13.43
N GLU A 195 -1.35 5.14 -14.08
CA GLU A 195 -1.45 4.80 -15.49
C GLU A 195 -0.55 5.68 -16.33
N THR A 196 -0.34 6.93 -15.91
CA THR A 196 0.67 7.78 -16.53
C THR A 196 2.06 7.19 -16.32
N THR A 197 2.40 6.93 -15.06
CA THR A 197 3.71 6.36 -14.74
C THR A 197 3.95 5.07 -15.53
N MET A 198 2.91 4.25 -15.71
CA MET A 198 3.03 2.95 -16.38
C MET A 198 3.26 3.10 -17.89
C10 ZJV B . 4.86 12.72 2.77
C13 ZJV B . 6.47 12.44 0.35
C15 ZJV B . 4.28 13.05 1.40
C17 ZJV B . 9.33 11.48 0.59
C21 ZJV B . 10.98 10.65 2.02
C22 ZJV B . 0.17 8.14 5.96
C24 ZJV B . -0.85 8.84 6.90
C01 ZJV B . 2.94 10.84 5.25
C02 ZJV B . 4.22 10.84 5.27
C03 ZJV B . 4.52 12.35 5.00
C04 ZJV B . 3.68 12.94 6.15
C06 ZJV B . 2.08 9.90 6.16
C12 ZJV B . 7.03 12.12 1.71
C16 ZJV B . 8.49 11.65 1.85
C18 ZJV B . 8.76 11.79 -0.80
C19 ZJV B . 7.34 12.27 -0.92
C23 ZJV B . 0.70 6.91 6.65
C30 ZJV B . 4.43 5.41 7.30
C31 ZJV B . 5.06 4.76 6.06
C32 ZJV B . 5.14 4.07 7.43
C33 ZJV B . 5.15 6.65 7.89
C34 ZJV B . -1.58 8.51 8.23
C35 ZJV B . -1.33 8.03 5.68
C36 ZJV B . -1.62 9.37 9.28
C37 ZJV B . 1.17 12.73 6.33
C38 ZJV B . 0.99 14.06 7.07
C41 ZJV B . 0.58 15.54 5.14
C44 ZJV B . 0.35 13.76 8.44
C45 ZJV B . 1.23 12.80 9.29
C46 ZJV B . -0.14 10.99 10.49
C47 ZJV B . -0.97 10.77 9.21
C48 ZJV B . 0.03 16.94 3.27
C49 ZJV B . -0.85 16.65 2.07
C50 ZJV B . -0.09 18.43 3.66
C54 ZJV B . 2.83 13.52 1.30
C55 ZJV B . 0.42 12.43 10.58
F51 ZJV B . 0.81 18.68 4.66
F52 ZJV B . 0.12 19.21 2.57
F53 ZJV B . -1.33 18.71 4.15
N05 ZJV B . 2.54 12.29 5.94
N08 ZJV B . 1.19 9.03 5.42
N11 ZJV B . 6.23 12.27 2.93
N14 ZJV B . 5.08 12.89 0.21
N25 ZJV B . 2.13 6.72 6.61
N40 ZJV B . 0.13 14.98 6.39
O07 ZJV B . 2.09 9.92 7.36
O09 ZJV B . 4.00 12.88 3.87
O20 ZJV B . 10.66 11.05 0.71
O26 ZJV B . 0.00 6.09 7.19
O28 ZJV B . 2.09 4.09 6.80
O29 ZJV B . 2.26 5.37 8.81
O39 ZJV B . 0.21 12.05 6.10
O42 ZJV B . -0.39 16.23 4.39
O43 ZJV B . 1.73 15.41 4.80
S27 ZJV B . 2.62 5.33 7.39
H211 ZJV B . 11.88 10.27 2.02
H212 ZJV B . 10.35 9.98 2.32
H213 ZJV B . 10.95 11.42 2.61
H241 ZJV B . -0.90 9.78 6.70
H011 ZJV B . 2.80 10.62 4.31
H021 ZJV B . 4.59 10.28 4.58
H022 ZJV B . 4.55 10.57 6.15
H031 ZJV B . 5.48 12.49 4.97
H041 ZJV B . 3.55 13.90 6.04
H042 ZJV B . 4.06 12.75 7.01
H161 ZJV B . 8.84 11.45 2.69
H181 ZJV B . 9.29 11.69 -1.55
H191 ZJV B . 6.99 12.46 -1.76
H311 ZJV B . 5.88 5.16 5.75
H312 ZJV B . 4.43 4.37 5.43
H321 ZJV B . 6.01 4.09 7.87
H322 ZJV B . 4.56 3.30 7.55
H331 ZJV B . 5.36 7.28 7.19
H332 ZJV B . 5.97 6.37 8.32
H333 ZJV B . 4.58 7.07 8.55
H341 ZJV B . -2.00 7.69 8.32
H351 ZJV B . -1.72 7.17 5.88
H352 ZJV B . -1.65 8.56 4.93
H361 ZJV B . -2.06 9.11 10.05
H381 ZJV B . 1.88 14.47 7.14
H442 ZJV B . -0.52 13.36 8.29
H441 ZJV B . 0.23 14.60 8.92
H452 ZJV B . 1.42 12.00 8.77
H451 ZJV B . 2.05 13.24 9.53
H461 ZJV B . 0.60 10.37 10.50
H462 ZJV B . -0.71 10.83 11.26
H472 ZJV B . -0.39 10.81 8.43
H471 ZJV B . -1.65 11.44 9.13
H481 ZJV B . 0.93 16.70 3.01
H491 ZJV B . -0.89 17.43 1.49
H492 ZJV B . -1.75 16.43 2.36
H493 ZJV B . -0.48 15.90 1.58
H542 ZJV B . 2.71 14.06 0.50
H541 ZJV B . 2.60 14.04 2.09
H543 ZJV B . 2.24 12.74 1.24
H551 ZJV B . 1.01 12.50 11.35
H552 ZJV B . -0.32 13.06 10.68
H081 ZJV B . 1.28 9.04 4.56
H251 ZJV B . 2.66 7.27 6.22
H401 ZJV B . -0.63 15.19 6.73
ZN ZN C . -14.98 2.45 -10.91
#